data_1CGH
#
_entry.id   1CGH
#
_cell.length_a   40.040
_cell.length_b   63.610
_cell.length_c   79.720
_cell.angle_alpha   90.00
_cell.angle_beta   90.00
_cell.angle_gamma   90.00
#
_symmetry.space_group_name_H-M   'P 21 21 21'
#
loop_
_entity.id
_entity.type
_entity.pdbx_description
1 polymer 'CATHEPSIN G'
2 non-polymer N-(3-carboxypropanoyl)-L-valyl-N-{(1R)-1-[(S)-hydroxy(oxido)phosphanyl]-2-phenylethyl}-L-prolinamide
3 water water
#
_entity_poly.entity_id   1
_entity_poly.type   'polypeptide(L)'
_entity_poly.pdbx_seq_one_letter_code
;IIGGRESRPHSRPYMAYLQIQSPAGQSRCGGFLVREDFVLTAAHCWGSNINVTLGAHNIQRRENTQQHITARRAIRHPQY
NQRTIQNDIMLLQLSRRVRRNRNVNPVALPRAQEGLRPGTLCTVAGWGRVSMRRGTDTLREVQLRVQRDRQCLRIFGSYD
PRRQICVGDRRERKAAFKGDSGGPLLCNNVAHGIVSYGKSSGVPPEVFTRVSSFLPWIRTTMRS
;
_entity_poly.pdbx_strand_id   A
#
loop_
_chem_comp.id
_chem_comp.type
_chem_comp.name
_chem_comp.formula
1ZG peptide-like N-(3-carboxypropanoyl)-L-valyl-N-{(1R)-1-[(S)-hydroxy(oxido)phosphanyl]-2-phenylethyl}-L-prolinamide 'C22 H32 N3 O8 P'
#
# COMPACT_ATOMS: atom_id res chain seq x y z
N ILE A 1 -2.62 -0.16 11.04
CA ILE A 1 -1.95 1.09 11.37
C ILE A 1 -1.83 1.22 12.89
N ILE A 2 -0.61 1.40 13.37
CA ILE A 2 -0.32 1.56 14.79
C ILE A 2 -0.07 3.05 15.07
N GLY A 3 -0.70 3.55 16.13
CA GLY A 3 -0.52 4.93 16.54
C GLY A 3 -1.17 6.01 15.72
N GLY A 4 -2.15 5.63 14.89
CA GLY A 4 -2.80 6.61 14.05
C GLY A 4 -4.17 7.04 14.54
N ARG A 5 -5.00 7.48 13.61
CA ARG A 5 -6.34 7.96 13.91
C ARG A 5 -7.24 7.50 12.75
N GLU A 6 -8.54 7.47 12.97
CA GLU A 6 -9.49 7.07 11.94
C GLU A 6 -9.52 8.18 10.90
N SER A 7 -9.53 7.80 9.62
CA SER A 7 -9.56 8.77 8.54
C SER A 7 -10.95 9.41 8.43
N ARG A 8 -10.99 10.66 7.97
CA ARG A 8 -12.28 11.28 7.72
C ARG A 8 -12.86 10.38 6.62
N PRO A 9 -14.11 9.92 6.77
CA PRO A 9 -14.69 9.04 5.75
C PRO A 9 -14.62 9.54 4.31
N HIS A 10 -14.13 8.68 3.43
CA HIS A 10 -14.04 8.93 2.00
C HIS A 10 -13.09 10.04 1.60
N SER A 11 -12.15 10.38 2.48
CA SER A 11 -11.18 11.42 2.19
C SER A 11 -9.96 10.92 1.43
N ARG A 12 -9.83 9.61 1.21
CA ARG A 12 -8.67 9.05 0.48
C ARG A 12 -9.34 8.09 -0.45
N PRO A 13 -10.01 8.63 -1.48
CA PRO A 13 -10.78 7.89 -2.50
C PRO A 13 -10.07 6.86 -3.35
N TYR A 14 -8.74 6.85 -3.28
CA TYR A 14 -7.91 5.92 -4.04
C TYR A 14 -7.66 4.64 -3.25
N MET A 15 -7.99 4.63 -1.95
CA MET A 15 -7.72 3.44 -1.15
C MET A 15 -8.49 2.23 -1.60
N ALA A 16 -7.84 1.08 -1.66
CA ALA A 16 -8.51 -0.15 -2.03
C ALA A 16 -8.27 -1.23 -0.94
N TYR A 17 -9.29 -2.02 -0.68
CA TYR A 17 -9.21 -3.10 0.29
C TYR A 17 -9.21 -4.40 -0.54
N LEU A 18 -8.24 -5.28 -0.31
CA LEU A 18 -8.16 -6.51 -1.10
C LEU A 18 -8.50 -7.75 -0.29
N GLN A 19 -9.44 -8.53 -0.81
CA GLN A 19 -9.79 -9.79 -0.18
C GLN A 19 -9.12 -10.83 -1.10
N ILE A 20 -8.14 -11.53 -0.54
CA ILE A 20 -7.36 -12.49 -1.30
C ILE A 20 -7.71 -13.94 -1.01
N GLN A 21 -8.24 -14.61 -2.03
CA GLN A 21 -8.64 -16.01 -2.00
C GLN A 21 -9.74 -16.37 -1.02
N SER A 22 -10.45 -17.46 -1.32
CA SER A 22 -11.55 -17.95 -0.49
C SER A 22 -11.00 -18.93 0.55
N PRO A 23 -11.69 -19.07 1.69
CA PRO A 23 -12.93 -18.36 2.08
C PRO A 23 -12.71 -16.88 2.36
N ALA A 24 -13.80 -16.16 2.57
CA ALA A 24 -13.75 -14.72 2.84
C ALA A 24 -12.93 -14.46 4.12
N GLY A 25 -11.62 -14.35 3.95
CA GLY A 25 -10.74 -14.11 5.07
C GLY A 25 -9.42 -14.85 4.94
N GLN A 26 -9.23 -15.52 3.81
CA GLN A 26 -8.00 -16.28 3.56
C GLN A 26 -6.78 -15.37 3.74
N SER A 27 -6.90 -14.09 3.36
CA SER A 27 -5.80 -13.12 3.48
C SER A 27 -6.28 -11.75 3.00
N ARG A 28 -5.75 -10.69 3.61
CA ARG A 28 -6.15 -9.31 3.26
C ARG A 28 -5.00 -8.33 3.13
N CYS A 29 -5.13 -7.36 2.23
CA CYS A 29 -4.09 -6.33 2.02
C CYS A 29 -4.77 -5.03 1.61
N GLY A 30 -4.00 -3.96 1.49
CA GLY A 30 -4.54 -2.71 1.01
C GLY A 30 -3.99 -2.53 -0.40
N GLY A 31 -4.34 -1.42 -1.04
CA GLY A 31 -3.86 -1.13 -2.36
C GLY A 31 -4.34 0.26 -2.69
N PHE A 32 -4.02 0.76 -3.86
CA PHE A 32 -4.50 2.07 -4.24
C PHE A 32 -4.74 2.17 -5.73
N LEU A 33 -5.80 2.86 -6.08
CA LEU A 33 -6.19 3.03 -7.47
C LEU A 33 -5.23 4.00 -8.18
N VAL A 34 -4.68 3.56 -9.30
CA VAL A 34 -3.76 4.38 -10.08
C VAL A 34 -4.34 4.73 -11.46
N ARG A 35 -5.39 4.04 -11.85
CA ARG A 35 -6.13 4.31 -13.08
C ARG A 35 -7.48 3.70 -12.84
N GLU A 36 -8.46 4.00 -13.71
CA GLU A 36 -9.82 3.47 -13.53
C GLU A 36 -9.90 1.97 -13.56
N ASP A 37 -8.90 1.37 -14.18
CA ASP A 37 -8.88 -0.09 -14.34
C ASP A 37 -7.67 -0.77 -13.67
N PHE A 38 -6.88 -0.02 -12.91
CA PHE A 38 -5.68 -0.60 -12.29
C PHE A 38 -5.43 -0.18 -10.86
N VAL A 39 -5.11 -1.17 -10.03
CA VAL A 39 -4.76 -0.96 -8.64
C VAL A 39 -3.29 -1.41 -8.42
N LEU A 40 -2.55 -0.61 -7.68
CA LEU A 40 -1.16 -0.92 -7.35
C LEU A 40 -1.17 -1.45 -5.93
N THR A 41 -0.39 -2.49 -5.68
CA THR A 41 -0.30 -3.10 -4.35
C THR A 41 1.04 -3.86 -4.24
N ALA A 42 1.18 -4.66 -3.18
CA ALA A 42 2.42 -5.44 -2.96
C ALA A 42 2.32 -6.81 -3.62
N ALA A 43 3.40 -7.27 -4.25
CA ALA A 43 3.39 -8.57 -4.91
C ALA A 43 3.19 -9.71 -3.91
N HIS A 44 3.66 -9.53 -2.68
CA HIS A 44 3.48 -10.57 -1.68
C HIS A 44 2.01 -10.75 -1.34
N CYS A 45 1.15 -9.85 -1.82
CA CYS A 45 -0.31 -9.97 -1.59
C CYS A 45 -0.97 -10.78 -2.68
N TRP A 46 -0.19 -11.35 -3.56
CA TRP A 46 -0.74 -12.14 -4.65
C TRP A 46 -1.60 -13.34 -4.19
N GLY A 47 -2.67 -13.59 -4.95
CA GLY A 47 -3.56 -14.70 -4.67
C GLY A 47 -4.19 -15.09 -5.98
N SER A 48 -4.76 -16.30 -6.05
CA SER A 48 -5.39 -16.79 -7.27
C SER A 48 -6.71 -16.06 -7.57
N ASN A 49 -7.37 -15.58 -6.51
CA ASN A 49 -8.61 -14.87 -6.71
C ASN A 49 -8.52 -13.67 -5.79
N ILE A 50 -8.72 -12.48 -6.34
CA ILE A 50 -8.63 -11.27 -5.52
C ILE A 50 -9.85 -10.36 -5.82
N ASN A 51 -10.59 -10.05 -4.76
CA ASN A 51 -11.76 -9.20 -4.82
C ASN A 51 -11.37 -7.82 -4.27
N VAL A 52 -11.48 -6.80 -5.10
CA VAL A 52 -11.09 -5.44 -4.73
C VAL A 52 -12.28 -4.58 -4.35
N THR A 53 -12.20 -3.94 -3.19
CA THR A 53 -13.26 -3.06 -2.75
C THR A 53 -12.77 -1.59 -2.75
N LEU A 54 -13.45 -0.77 -3.55
CA LEU A 54 -13.18 0.67 -3.64
C LEU A 54 -14.36 1.45 -2.98
N GLY A 55 -14.08 2.69 -2.58
CA GLY A 55 -15.12 3.53 -1.99
C GLY A 55 -15.50 3.23 -0.55
N ALA A 56 -14.71 2.42 0.14
CA ALA A 56 -15.06 2.05 1.51
C ALA A 56 -14.52 2.88 2.66
N HIS A 57 -15.25 2.86 3.76
CA HIS A 57 -14.72 3.43 4.97
C HIS A 57 -14.72 2.26 5.96
N ASN A 58 -15.90 1.75 6.28
CA ASN A 58 -16.05 0.62 7.17
C ASN A 58 -16.17 -0.62 6.26
N ILE A 59 -15.13 -1.43 6.19
CA ILE A 59 -15.20 -2.60 5.30
C ILE A 59 -16.06 -3.75 5.81
N GLN A 60 -16.64 -3.60 7.00
CA GLN A 60 -17.52 -4.63 7.53
C GLN A 60 -18.98 -4.26 7.34
N ARG A 61 -19.24 -3.19 6.61
CA ARG A 61 -20.62 -2.77 6.33
C ARG A 61 -20.85 -2.62 4.85
N ARG A 62 -22.08 -2.87 4.45
CA ARG A 62 -22.45 -2.72 3.05
C ARG A 62 -22.67 -1.22 2.91
N GLU A 63 -21.68 -0.48 2.40
CA GLU A 63 -21.85 0.96 2.23
C GLU A 63 -22.26 1.25 0.79
N ASN A 64 -23.08 2.27 0.57
CA ASN A 64 -23.53 2.55 -0.79
C ASN A 64 -22.49 3.15 -1.71
N THR A 65 -21.39 3.62 -1.11
CA THR A 65 -20.26 4.19 -1.85
C THR A 65 -19.30 3.08 -2.40
N GLN A 66 -19.45 1.87 -1.91
CA GLN A 66 -18.57 0.76 -2.29
C GLN A 66 -18.77 0.16 -3.65
N GLN A 67 -17.66 -0.14 -4.30
CA GLN A 67 -17.65 -0.81 -5.63
C GLN A 67 -16.77 -2.04 -5.45
N HIS A 68 -17.31 -3.23 -5.73
CA HIS A 68 -16.53 -4.48 -5.59
C HIS A 68 -16.28 -4.97 -6.99
N ILE A 69 -15.00 -5.15 -7.30
CA ILE A 69 -14.63 -5.59 -8.64
C ILE A 69 -13.57 -6.65 -8.48
N THR A 70 -13.67 -7.71 -9.25
CA THR A 70 -12.65 -8.75 -9.17
C THR A 70 -11.48 -8.33 -10.06
N ALA A 71 -10.28 -8.73 -9.67
CA ALA A 71 -9.08 -8.43 -10.45
C ALA A 71 -9.06 -9.43 -11.59
N ARG A 72 -8.94 -8.93 -12.80
CA ARG A 72 -8.89 -9.79 -13.98
C ARG A 72 -7.50 -10.43 -14.13
N ARG A 73 -6.45 -9.64 -13.91
CA ARG A 73 -5.07 -10.14 -13.96
C ARG A 73 -4.35 -9.56 -12.77
N ALA A 74 -3.45 -10.35 -12.18
CA ALA A 74 -2.63 -9.87 -11.05
C ALA A 74 -1.22 -10.04 -11.54
N ILE A 75 -0.60 -8.92 -11.91
CA ILE A 75 0.74 -8.90 -12.47
C ILE A 75 1.82 -8.56 -11.47
N ARG A 76 2.49 -9.60 -10.99
CA ARG A 76 3.62 -9.42 -10.06
C ARG A 76 4.84 -8.94 -10.85
N HIS A 77 5.69 -8.10 -10.25
CA HIS A 77 6.88 -7.64 -10.95
C HIS A 77 7.66 -8.93 -11.35
N PRO A 78 8.29 -8.95 -12.52
CA PRO A 78 9.03 -10.12 -12.99
C PRO A 78 10.16 -10.63 -12.08
N GLN A 79 10.73 -9.72 -11.30
CA GLN A 79 11.84 -10.10 -10.45
C GLN A 79 11.47 -10.13 -8.98
N TYR A 80 10.17 -10.20 -8.66
CA TYR A 80 9.79 -10.25 -7.27
C TYR A 80 10.49 -11.45 -6.61
N ASN A 81 11.08 -11.20 -5.44
CA ASN A 81 11.78 -12.23 -4.72
C ASN A 81 11.11 -12.37 -3.39
N GLN A 82 10.39 -13.48 -3.25
CA GLN A 82 9.64 -13.79 -2.06
C GLN A 82 10.52 -14.05 -0.84
N ARG A 83 11.79 -14.37 -1.06
CA ARG A 83 12.69 -14.70 0.05
C ARG A 83 13.25 -13.49 0.71
N THR A 84 13.71 -12.54 -0.11
CA THR A 84 14.28 -11.30 0.38
C THR A 84 13.20 -10.16 0.41
N ILE A 85 12.02 -10.45 -0.14
CA ILE A 85 10.91 -9.49 -0.26
C ILE A 85 11.33 -8.29 -1.11
N GLN A 86 12.12 -8.54 -2.15
CA GLN A 86 12.60 -7.49 -3.02
C GLN A 86 11.67 -7.33 -4.23
N ASN A 87 11.57 -6.12 -4.80
CA ASN A 87 10.69 -5.81 -5.93
C ASN A 87 9.25 -6.15 -5.56
N ASP A 88 8.85 -5.78 -4.37
CA ASP A 88 7.51 -6.12 -3.85
C ASP A 88 6.44 -5.12 -4.37
N ILE A 89 6.03 -5.34 -5.60
CA ILE A 89 5.07 -4.48 -6.29
C ILE A 89 4.27 -5.33 -7.28
N MET A 90 3.00 -5.00 -7.42
CA MET A 90 2.11 -5.77 -8.31
C MET A 90 0.99 -4.85 -8.80
N LEU A 91 0.60 -5.07 -10.06
CA LEU A 91 -0.49 -4.34 -10.66
C LEU A 91 -1.69 -5.27 -10.80
N LEU A 92 -2.86 -4.79 -10.41
CA LEU A 92 -4.07 -5.55 -10.55
C LEU A 92 -4.90 -4.86 -11.63
N GLN A 93 -5.12 -5.57 -12.73
CA GLN A 93 -5.96 -5.04 -13.78
C GLN A 93 -7.38 -5.46 -13.39
N LEU A 94 -8.27 -4.50 -13.21
CA LEU A 94 -9.66 -4.78 -12.81
C LEU A 94 -10.51 -5.32 -13.96
N SER A 95 -11.47 -6.20 -13.64
CA SER A 95 -12.33 -6.80 -14.67
C SER A 95 -13.26 -5.75 -15.33
N ARG A 96 -13.51 -4.66 -14.62
CA ARG A 96 -14.25 -3.58 -15.20
C ARG A 96 -13.71 -2.28 -14.60
N ARG A 97 -13.81 -1.19 -15.34
CA ARG A 97 -13.34 0.08 -14.82
C ARG A 97 -14.28 0.52 -13.69
N VAL A 98 -13.71 1.23 -12.72
CA VAL A 98 -14.50 1.76 -11.61
C VAL A 98 -15.37 2.89 -12.16
N ARG A 99 -16.48 3.18 -11.48
CA ARG A 99 -17.28 4.32 -11.88
C ARG A 99 -16.66 5.45 -11.04
N ARG A 100 -15.92 6.31 -11.73
CA ARG A 100 -15.22 7.40 -11.07
C ARG A 100 -16.15 8.43 -10.44
N ASN A 101 -15.88 8.79 -9.19
CA ASN A 101 -16.68 9.79 -8.50
C ASN A 101 -15.92 10.35 -7.32
N ARG A 102 -16.54 11.21 -6.53
CA ARG A 102 -15.84 11.81 -5.40
C ARG A 102 -15.25 10.81 -4.39
N ASN A 103 -15.91 9.66 -4.25
CA ASN A 103 -15.49 8.64 -3.31
C ASN A 103 -14.52 7.60 -3.90
N VAL A 104 -14.41 7.57 -5.22
CA VAL A 104 -13.58 6.59 -5.91
C VAL A 104 -12.80 7.25 -7.04
N ASN A 105 -11.51 7.52 -6.83
CA ASN A 105 -10.69 8.10 -7.89
C ASN A 105 -9.22 7.84 -7.66
N PRO A 106 -8.45 7.79 -8.75
CA PRO A 106 -7.00 7.54 -8.72
C PRO A 106 -6.11 8.56 -7.98
N VAL A 107 -4.99 8.07 -7.47
CA VAL A 107 -4.04 8.93 -6.79
C VAL A 107 -2.90 9.23 -7.77
N ALA A 108 -2.29 10.41 -7.64
CA ALA A 108 -1.18 10.81 -8.49
C ALA A 108 0.08 9.96 -8.15
N LEU A 109 0.88 9.68 -9.17
CA LEU A 109 2.12 8.93 -9.00
C LEU A 109 3.26 9.93 -9.20
N PRO A 110 4.45 9.64 -8.62
CA PRO A 110 5.59 10.55 -8.77
C PRO A 110 6.17 10.46 -10.18
N ARG A 111 7.08 11.38 -10.48
CA ARG A 111 7.75 11.38 -11.77
C ARG A 111 8.86 10.33 -11.63
N ALA A 112 9.27 9.73 -12.73
CA ALA A 112 10.31 8.69 -12.65
C ALA A 112 11.57 9.24 -12.03
N GLN A 113 12.26 8.39 -11.27
CA GLN A 113 13.53 8.75 -10.65
C GLN A 113 13.44 9.80 -9.55
N GLU A 114 12.23 10.21 -9.18
CA GLU A 114 12.05 11.19 -8.12
C GLU A 114 12.42 10.59 -6.76
N GLY A 115 13.33 11.26 -6.06
CA GLY A 115 13.79 10.80 -4.76
C GLY A 115 12.99 11.41 -3.65
N LEU A 116 13.43 11.20 -2.41
CA LEU A 116 12.72 11.69 -1.23
C LEU A 116 13.72 12.01 -0.13
N ARG A 117 13.64 13.22 0.40
CA ARG A 117 14.53 13.67 1.46
C ARG A 117 14.21 13.04 2.82
N PRO A 118 15.26 12.59 3.55
CA PRO A 118 15.07 12.00 4.88
C PRO A 118 14.45 13.10 5.75
N GLY A 119 13.51 12.74 6.62
CA GLY A 119 12.92 13.75 7.47
C GLY A 119 11.57 14.18 6.92
N THR A 120 11.31 13.91 5.64
CA THR A 120 10.03 14.28 5.04
C THR A 120 8.85 13.60 5.74
N LEU A 121 7.80 14.37 6.02
CA LEU A 121 6.61 13.78 6.65
C LEU A 121 5.67 13.22 5.56
N CYS A 122 5.26 11.97 5.70
CA CYS A 122 4.36 11.33 4.74
C CYS A 122 3.20 10.69 5.50
N THR A 123 2.16 10.29 4.78
CA THR A 123 1.01 9.66 5.38
C THR A 123 0.82 8.26 4.80
N VAL A 124 0.50 7.29 5.66
CA VAL A 124 0.20 5.95 5.22
C VAL A 124 -1.20 5.64 5.79
N ALA A 125 -2.02 4.91 5.05
CA ALA A 125 -3.35 4.55 5.52
C ALA A 125 -3.62 3.08 5.27
N GLY A 126 -4.56 2.53 6.02
CA GLY A 126 -4.96 1.14 5.84
C GLY A 126 -5.95 0.59 6.86
N TRP A 127 -6.43 -0.62 6.60
CA TRP A 127 -7.33 -1.31 7.48
C TRP A 127 -6.60 -2.40 8.31
N GLY A 128 -5.28 -2.28 8.46
CA GLY A 128 -4.48 -3.25 9.20
C GLY A 128 -4.64 -3.18 10.71
N ARG A 129 -3.98 -4.08 11.43
CA ARG A 129 -4.10 -4.09 12.88
C ARG A 129 -3.50 -2.85 13.52
N VAL A 130 -4.07 -2.49 14.67
CA VAL A 130 -3.63 -1.32 15.41
C VAL A 130 -2.72 -1.70 16.57
N SER A 131 -2.68 -3.00 16.83
CA SER A 131 -1.85 -3.57 17.90
C SER A 131 -1.79 -5.08 17.66
N MET A 132 -1.06 -5.81 18.48
CA MET A 132 -1.01 -7.26 18.33
C MET A 132 -2.34 -7.87 18.73
N ARG A 133 -3.04 -7.17 19.60
CA ARG A 133 -4.31 -7.65 20.11
C ARG A 133 -5.56 -7.27 19.27
N ARG A 134 -5.50 -6.14 18.54
CA ARG A 134 -6.68 -5.75 17.77
C ARG A 134 -6.51 -5.15 16.38
N GLY A 135 -7.62 -5.18 15.65
CA GLY A 135 -7.67 -4.64 14.31
C GLY A 135 -8.63 -3.48 14.28
N THR A 136 -9.15 -3.16 13.10
CA THR A 136 -10.08 -2.04 12.92
C THR A 136 -11.03 -2.37 11.78
N ASP A 137 -12.26 -1.86 11.85
CA ASP A 137 -13.26 -2.07 10.81
C ASP A 137 -13.21 -0.92 9.83
N THR A 138 -12.66 0.21 10.26
CA THR A 138 -12.63 1.42 9.43
C THR A 138 -11.23 1.88 9.12
N LEU A 139 -11.10 2.65 8.05
CA LEU A 139 -9.79 3.16 7.60
C LEU A 139 -9.11 4.10 8.61
N ARG A 140 -7.83 3.89 8.84
CA ARG A 140 -7.02 4.71 9.73
C ARG A 140 -5.80 5.19 8.97
N GLU A 141 -5.12 6.19 9.51
CA GLU A 141 -3.94 6.72 8.86
C GLU A 141 -2.99 7.28 9.93
N VAL A 142 -1.73 7.48 9.56
CA VAL A 142 -0.73 8.00 10.47
C VAL A 142 0.34 8.68 9.65
N GLN A 143 1.00 9.67 10.26
CA GLN A 143 2.06 10.39 9.62
C GLN A 143 3.39 9.77 10.09
N LEU A 144 4.24 9.42 9.13
CA LEU A 144 5.52 8.78 9.41
C LEU A 144 6.62 9.60 8.77
N ARG A 145 7.80 9.58 9.39
CA ARG A 145 8.92 10.31 8.89
C ARG A 145 9.91 9.42 8.10
N VAL A 146 10.31 9.91 6.93
CA VAL A 146 11.25 9.23 6.05
C VAL A 146 12.62 9.20 6.75
N GLN A 147 13.23 8.01 6.80
CA GLN A 147 14.52 7.79 7.42
C GLN A 147 15.68 7.72 6.42
N ARG A 148 16.92 7.86 6.91
CA ARG A 148 18.08 7.76 6.01
C ARG A 148 18.15 6.29 5.60
N ASP A 149 18.50 6.04 4.36
CA ASP A 149 18.65 4.67 3.83
C ASP A 149 19.62 3.95 4.75
N ARG A 150 20.69 4.66 5.10
CA ARG A 150 21.75 4.19 5.99
C ARG A 150 21.18 3.40 7.15
N GLN A 151 20.14 3.94 7.76
CA GLN A 151 19.50 3.29 8.89
C GLN A 151 18.91 1.95 8.50
N CYS A 152 18.20 1.86 7.38
CA CYS A 152 17.62 0.56 7.05
C CYS A 152 18.72 -0.37 6.55
N LEU A 153 19.70 0.21 5.89
CA LEU A 153 20.86 -0.51 5.37
C LEU A 153 21.52 -1.35 6.49
N ARG A 154 21.51 -0.82 7.71
CA ARG A 154 22.11 -1.51 8.83
C ARG A 154 21.17 -2.42 9.58
N ILE A 155 19.87 -2.30 9.33
CA ILE A 155 18.87 -3.12 10.04
C ILE A 155 18.31 -4.33 9.31
N PHE A 156 18.10 -4.17 8.00
CA PHE A 156 17.52 -5.23 7.20
C PHE A 156 18.54 -5.69 6.16
N GLY A 157 18.86 -6.97 6.19
CA GLY A 157 19.85 -7.50 5.27
C GLY A 157 19.73 -7.22 3.79
N SER A 158 18.54 -7.43 3.24
CA SER A 158 18.32 -7.24 1.81
C SER A 158 17.79 -5.89 1.35
N TYR A 159 18.03 -4.82 2.12
CA TYR A 159 17.55 -3.47 1.77
C TYR A 159 18.32 -2.83 0.59
N ASP A 160 17.59 -2.31 -0.38
CA ASP A 160 18.19 -1.67 -1.53
C ASP A 160 17.62 -0.24 -1.70
N PRO A 161 18.40 0.79 -1.30
CA PRO A 161 18.00 2.20 -1.40
C PRO A 161 17.44 2.65 -2.75
N ARG A 162 17.86 1.99 -3.83
CA ARG A 162 17.37 2.35 -5.15
C ARG A 162 15.97 1.87 -5.39
N ARG A 163 15.55 0.82 -4.71
CA ARG A 163 14.23 0.26 -4.92
C ARG A 163 13.28 0.28 -3.73
N GLN A 164 13.80 0.68 -2.58
CA GLN A 164 13.03 0.73 -1.36
C GLN A 164 13.25 2.05 -0.61
N ILE A 165 12.40 2.29 0.38
CA ILE A 165 12.44 3.50 1.20
C ILE A 165 12.40 3.02 2.65
N CYS A 166 13.20 3.68 3.48
CA CYS A 166 13.31 3.39 4.90
C CYS A 166 12.34 4.34 5.58
N VAL A 167 11.39 3.82 6.36
CA VAL A 167 10.38 4.70 6.92
C VAL A 167 10.00 4.56 8.38
N GLY A 168 9.92 5.69 9.07
CA GLY A 168 9.49 5.69 10.44
C GLY A 168 10.59 5.84 11.48
N ASP A 169 10.41 6.84 12.32
CA ASP A 169 11.30 7.14 13.41
C ASP A 169 11.05 6.11 14.53
N ARG A 170 12.09 5.39 14.95
CA ARG A 170 11.96 4.40 16.03
C ARG A 170 11.40 5.03 17.30
N ARG A 171 11.74 6.31 17.55
CA ARG A 171 11.28 7.07 18.72
C ARG A 171 9.77 7.24 18.84
N GLU A 172 9.03 7.15 17.73
CA GLU A 172 7.58 7.29 17.79
C GLU A 172 6.98 5.90 17.58
N ARG A 173 5.87 5.61 18.25
CA ARG A 173 5.18 4.31 18.11
C ARG A 173 4.11 4.52 17.01
N LYS A 174 4.59 4.70 15.79
CA LYS A 174 3.74 4.95 14.65
C LYS A 174 4.26 4.10 13.54
N ALA A 175 3.39 3.32 12.90
CA ALA A 175 3.87 2.47 11.80
C ALA A 175 2.75 1.80 11.03
N ALA A 176 3.03 1.37 9.80
CA ALA A 176 2.07 0.57 9.04
C ALA A 176 2.33 -0.81 9.68
N PHE A 177 1.36 -1.70 9.71
CA PHE A 177 1.53 -3.00 10.37
C PHE A 177 0.78 -4.08 9.59
N LYS A 178 0.59 -5.24 10.19
CA LYS A 178 -0.09 -6.37 9.51
C LYS A 178 -1.45 -6.02 8.97
N GLY A 179 -1.64 -6.27 7.67
CA GLY A 179 -2.91 -5.92 7.05
C GLY A 179 -2.81 -4.65 6.24
N ASP A 180 -1.80 -3.83 6.51
CA ASP A 180 -1.58 -2.57 5.77
C ASP A 180 -0.73 -2.72 4.50
N SER A 181 -0.11 -3.89 4.30
CA SER A 181 0.72 -4.12 3.11
C SER A 181 -0.03 -3.73 1.84
N GLY A 182 0.70 -3.14 0.89
CA GLY A 182 0.11 -2.72 -0.36
C GLY A 182 -0.44 -1.28 -0.33
N GLY A 183 -0.68 -0.75 0.86
CA GLY A 183 -1.18 0.62 1.01
C GLY A 183 -0.14 1.63 0.55
N PRO A 184 -0.58 2.86 0.25
CA PRO A 184 0.35 3.89 -0.22
C PRO A 184 1.01 4.72 0.89
N LEU A 185 2.17 5.25 0.56
CA LEU A 185 2.89 6.17 1.42
C LEU A 185 2.71 7.44 0.56
N LEU A 186 1.90 8.36 1.07
CA LEU A 186 1.63 9.62 0.38
C LEU A 186 2.53 10.71 0.93
N CYS A 187 3.36 11.27 0.08
CA CYS A 187 4.30 12.31 0.48
C CYS A 187 3.96 13.47 -0.44
N ASN A 188 3.50 14.56 0.18
CA ASN A 188 3.05 15.74 -0.55
C ASN A 188 2.02 15.37 -1.63
N ASN A 189 1.08 14.52 -1.19
CA ASN A 189 -0.06 14.08 -2.00
C ASN A 189 0.21 13.19 -3.22
N VAL A 190 1.40 12.61 -3.30
CA VAL A 190 1.82 11.75 -4.39
C VAL A 190 2.16 10.38 -3.76
N ALA A 191 1.77 9.29 -4.41
CA ALA A 191 2.02 7.95 -3.87
C ALA A 191 3.48 7.54 -4.14
N HIS A 192 4.36 7.81 -3.17
CA HIS A 192 5.78 7.50 -3.28
C HIS A 192 6.16 6.08 -2.88
N GLY A 193 5.38 5.47 -1.98
CA GLY A 193 5.71 4.13 -1.48
C GLY A 193 4.56 3.15 -1.34
N ILE A 194 4.91 1.88 -1.16
CA ILE A 194 3.97 0.79 -0.98
C ILE A 194 4.41 0.06 0.28
N VAL A 195 3.49 -0.14 1.22
CA VAL A 195 3.81 -0.81 2.48
C VAL A 195 4.28 -2.22 2.12
N SER A 196 5.49 -2.57 2.56
CA SER A 196 6.02 -3.91 2.25
C SER A 196 6.27 -4.81 3.49
N TYR A 197 7.24 -4.45 4.32
CA TYR A 197 7.56 -5.28 5.49
C TYR A 197 8.29 -4.54 6.60
N GLY A 198 8.46 -5.21 7.73
CA GLY A 198 9.19 -4.63 8.84
C GLY A 198 9.35 -5.69 9.92
N LYS A 199 9.63 -5.26 11.15
CA LYS A 199 9.79 -6.17 12.30
C LYS A 199 8.45 -6.68 12.81
N SER A 200 8.45 -7.91 13.31
CA SER A 200 7.23 -8.49 13.83
C SER A 200 6.65 -7.64 14.98
N SER A 201 7.51 -6.88 15.65
CA SER A 201 7.08 -6.04 16.77
C SER A 201 6.25 -4.84 16.31
N GLY A 202 6.47 -4.43 15.06
CA GLY A 202 5.78 -3.28 14.53
C GLY A 202 6.59 -2.02 14.79
N VAL A 203 7.75 -2.22 15.43
CA VAL A 203 8.67 -1.15 15.78
C VAL A 203 9.42 -0.68 14.57
N PRO A 204 9.34 0.62 14.24
CA PRO A 204 10.01 1.21 13.07
C PRO A 204 11.55 1.26 13.25
N PRO A 205 12.30 1.50 12.17
CA PRO A 205 11.90 1.75 10.78
C PRO A 205 11.40 0.48 10.08
N GLU A 206 10.62 0.70 9.04
CA GLU A 206 10.07 -0.40 8.25
C GLU A 206 10.36 -0.06 6.78
N VAL A 207 10.11 -1.02 5.90
CA VAL A 207 10.43 -0.89 4.50
C VAL A 207 9.22 -0.76 3.55
N PHE A 208 9.31 0.22 2.66
CA PHE A 208 8.27 0.50 1.66
C PHE A 208 8.91 0.33 0.29
N THR A 209 8.14 -0.14 -0.68
CA THR A 209 8.67 -0.27 -2.02
C THR A 209 8.69 1.18 -2.56
N ARG A 210 9.78 1.56 -3.22
CA ARG A 210 9.91 2.91 -3.80
C ARG A 210 9.29 2.94 -5.23
N VAL A 211 8.06 3.43 -5.31
CA VAL A 211 7.33 3.50 -6.58
C VAL A 211 8.04 4.16 -7.77
N SER A 212 8.74 5.27 -7.55
CA SER A 212 9.38 5.97 -8.66
C SER A 212 10.44 5.15 -9.39
N SER A 213 10.93 4.08 -8.77
CA SER A 213 11.91 3.22 -9.42
C SER A 213 11.28 2.23 -10.39
N PHE A 214 9.97 2.05 -10.28
CA PHE A 214 9.27 1.11 -11.16
C PHE A 214 8.34 1.77 -12.18
N LEU A 215 8.44 3.09 -12.35
CA LEU A 215 7.57 3.80 -13.30
C LEU A 215 7.56 3.23 -14.71
N PRO A 216 8.75 2.92 -15.28
CA PRO A 216 8.78 2.36 -16.64
C PRO A 216 8.04 1.03 -16.73
N TRP A 217 8.18 0.18 -15.73
CA TRP A 217 7.48 -1.09 -15.73
C TRP A 217 5.99 -0.83 -15.56
N ILE A 218 5.65 0.11 -14.68
CA ILE A 218 4.23 0.44 -14.42
C ILE A 218 3.56 0.89 -15.71
N ARG A 219 4.19 1.87 -16.35
CA ARG A 219 3.69 2.44 -17.58
C ARG A 219 3.56 1.42 -18.70
N THR A 220 4.55 0.53 -18.83
CA THR A 220 4.52 -0.52 -19.84
C THR A 220 3.34 -1.49 -19.61
N THR A 221 3.20 -1.96 -18.38
CA THR A 221 2.15 -2.89 -18.02
C THR A 221 0.73 -2.35 -18.27
N MET A 222 0.52 -1.07 -17.96
CA MET A 222 -0.80 -0.47 -18.14
C MET A 222 -1.11 -0.12 -19.59
N ARG A 223 -0.08 0.25 -20.32
CA ARG A 223 -0.22 0.58 -21.72
C ARG A 223 -0.46 -0.73 -22.49
N SER A 224 0.47 -1.68 -22.31
CA SER A 224 0.41 -2.99 -22.96
C SER A 224 -0.59 -3.93 -22.26
C1 1ZG B . 12.78 -8.95 10.90
O1 1ZG B . 12.55 -8.89 12.13
O2 1ZG B . 13.95 -8.41 10.23
C2 1ZG B . 11.64 -9.62 10.11
C3 1ZG B . 11.39 -9.03 8.69
C4 1ZG B . 10.25 -9.72 7.98
O3 1ZG B . 10.49 -10.71 7.27
N 1ZG B . 9.05 -9.49 8.52
CA 1ZG B . 7.88 -10.28 8.11
C 1ZG B . 7.01 -9.42 7.18
O 1ZG B . 7.21 -8.21 7.11
CB 1ZG B . 7.06 -10.82 9.36
CG1 1ZG B . 6.38 -9.72 10.12
CG2 1ZG B . 6.03 -11.79 8.91
N1 1ZG B . 6.63 -9.80 5.94
CA1 1ZG B . 5.67 -9.06 5.12
C5 1ZG B . 4.42 -8.63 5.89
O4 1ZG B . 3.93 -9.38 6.73
CB1 1ZG B . 5.37 -10.03 3.96
CG 1ZG B . 5.66 -11.35 4.50
CD 1ZG B . 6.84 -11.15 5.40
N2 1ZG B . 3.92 -7.41 5.61
CA2 1ZG B . 3.05 -7.01 6.09
P 1ZG B . 1.56 -6.97 5.09
O1P 1ZG B . 0.21 -6.56 5.75
O2P 1ZG B . 1.22 -8.37 4.66
CB2 1ZG B . 3.05 -5.62 6.79
CG3 1ZG B . 3.96 -5.37 8.00
CD1 1ZG B . 4.65 -4.17 8.12
CD2 1ZG B . 4.13 -6.35 8.99
CE1 1ZG B . 5.52 -3.94 9.23
CE2 1ZG B . 4.98 -6.13 10.09
CZ 1ZG B . 5.68 -4.91 10.21
H21 1ZG B . 10.72 -9.59 10.68
H22 1ZG B . 11.92 -10.66 10.03
H31 1ZG B . 12.27 -9.14 8.08
H32 1ZG B . 11.26 -7.96 8.67
H 1ZG B . 8.90 -8.60 8.89
HN2 1ZG B . 4.37 -6.85 4.93
#